data_5XYV
#
_entry.id   5XYV
#
_cell.length_a   47.752
_cell.length_b   57.097
_cell.length_c   101.002
_cell.angle_alpha   90.00
_cell.angle_beta   90.00
_cell.angle_gamma   90.00
#
_symmetry.space_group_name_H-M   'P 21 21 21'
#
loop_
_entity.id
_entity.type
_entity.pdbx_description
1 polymer RHINO
2 polymer 'Protein deadlock'
3 water water
#
loop_
_entity_poly.entity_id
_entity_poly.type
_entity_poly.pdbx_seq_one_letter_code
_entity_poly.pdbx_strand_id
1 'polypeptide(L)' GSTKPFGVNRGLDLDKILHCYQMNDDLFMFVTWKGCSSIDAVHINDIKEAYPLQIIKYFESLRIIVPKGSGSGSGSGS A,B
2 'polypeptide(L)' MEKLDKIRMSQKLSCWQHILTTLGTSSKTEQEWNTFFKGFLESWRKPYCIQTSCDPSIPL C,D
#
# COMPACT_ATOMS: atom_id res chain seq x y z
N PRO A 5 -17.06 16.36 16.33
CA PRO A 5 -16.79 16.52 14.89
C PRO A 5 -15.37 16.10 14.51
N PHE A 6 -15.27 15.02 13.75
CA PHE A 6 -13.95 14.48 13.42
C PHE A 6 -13.84 14.03 11.94
N GLY A 7 -12.64 13.72 11.49
CA GLY A 7 -12.44 13.27 10.11
C GLY A 7 -12.63 14.37 9.09
N VAL A 8 -13.17 14.01 7.93
CA VAL A 8 -13.35 14.97 6.86
C VAL A 8 -14.33 16.07 7.29
N ASN A 9 -15.22 15.70 8.20
CA ASN A 9 -16.19 16.62 8.77
C ASN A 9 -15.57 17.80 9.53
N ARG A 10 -14.28 17.76 9.81
CA ARG A 10 -13.65 18.91 10.45
C ARG A 10 -13.51 20.05 9.45
N GLY A 11 -13.58 19.71 8.17
CA GLY A 11 -13.39 20.66 7.08
C GLY A 11 -12.00 21.26 7.05
N LEU A 12 -10.99 20.47 7.39
CA LEU A 12 -9.58 20.88 7.29
C LEU A 12 -8.87 20.04 6.26
N ASP A 13 -7.78 20.60 5.68
CA ASP A 13 -6.92 19.86 4.77
C ASP A 13 -6.14 18.80 5.50
N LEU A 14 -5.89 17.70 4.80
CA LEU A 14 -5.07 16.63 5.34
C LEU A 14 -3.64 17.10 5.61
N ASP A 15 -3.09 16.76 6.77
CA ASP A 15 -1.68 17.09 7.00
C ASP A 15 -0.81 15.87 6.71
N LYS A 16 -0.97 14.81 7.51
CA LYS A 16 -0.13 13.63 7.37
C LYS A 16 -0.91 12.35 7.63
N ILE A 17 -0.52 11.30 6.91
CA ILE A 17 -1.03 9.97 7.16
C ILE A 17 -0.05 9.23 8.07
N LEU A 18 -0.48 8.89 9.27
CA LEU A 18 0.47 8.38 10.26
C LEU A 18 0.55 6.87 10.27
N HIS A 19 -0.57 6.22 9.96
CA HIS A 19 -0.75 4.82 10.29
C HIS A 19 -2.02 4.33 9.62
N CYS A 20 -2.18 3.02 9.60
CA CYS A 20 -3.39 2.39 9.10
C CYS A 20 -3.67 1.11 9.86
N TYR A 21 -4.93 0.68 9.83
CA TYR A 21 -5.30 -0.58 10.43
C TYR A 21 -6.36 -1.22 9.55
N GLN A 22 -6.22 -2.51 9.32
CA GLN A 22 -7.09 -3.24 8.41
C GLN A 22 -7.98 -4.18 9.21
N MET A 23 -9.29 -4.08 9.00
CA MET A 23 -10.24 -5.03 9.59
C MET A 23 -11.09 -5.68 8.52
N ASN A 24 -10.70 -6.89 8.10
CA ASN A 24 -11.29 -7.54 6.94
C ASN A 24 -11.21 -6.65 5.72
N ASP A 25 -12.36 -6.17 5.25
CA ASP A 25 -12.38 -5.33 4.05
C ASP A 25 -12.31 -3.85 4.37
N ASP A 26 -12.36 -3.53 5.66
CA ASP A 26 -12.32 -2.13 6.08
C ASP A 26 -10.91 -1.68 6.44
N LEU A 27 -10.42 -0.70 5.71
CA LEU A 27 -9.11 -0.13 6.00
C LEU A 27 -9.28 1.31 6.54
N PHE A 28 -8.70 1.56 7.71
CA PHE A 28 -8.75 2.90 8.30
C PHE A 28 -7.36 3.49 8.30
N MET A 29 -7.29 4.74 7.85
CA MET A 29 -6.10 5.54 7.97
C MET A 29 -6.20 6.44 9.21
N PHE A 30 -5.09 6.55 9.93
CA PHE A 30 -5.00 7.44 11.07
C PHE A 30 -4.19 8.65 10.62
N VAL A 31 -4.84 9.82 10.65
CA VAL A 31 -4.30 11.03 10.02
C VAL A 31 -4.34 12.26 10.91
N THR A 32 -3.56 13.28 10.53
CA THR A 32 -3.66 14.58 11.18
C THR A 32 -4.06 15.60 10.14
N TRP A 33 -4.65 16.70 10.61
CA TRP A 33 -5.12 17.76 9.75
C TRP A 33 -4.33 19.06 9.94
N LYS A 34 -4.29 19.89 8.90
CA LYS A 34 -3.53 21.12 8.99
C LYS A 34 -4.20 22.02 10.00
N GLY A 35 -3.41 22.47 10.97
CA GLY A 35 -3.91 23.39 11.98
C GLY A 35 -4.57 22.71 13.16
N CYS A 36 -4.40 21.40 13.25
CA CYS A 36 -5.09 20.63 14.27
C CYS A 36 -4.16 19.55 14.81
N SER A 37 -4.13 19.36 16.12
CA SER A 37 -3.18 18.43 16.70
C SER A 37 -3.75 17.03 16.92
N SER A 38 -5.03 16.84 16.63
CA SER A 38 -5.68 15.56 16.87
C SER A 38 -5.38 14.51 15.81
N ILE A 39 -5.47 13.24 16.19
CA ILE A 39 -5.30 12.14 15.25
C ILE A 39 -6.66 11.46 15.06
N ASP A 40 -7.08 11.32 13.80
CA ASP A 40 -8.42 10.78 13.50
C ASP A 40 -8.34 9.44 12.76
N ALA A 41 -9.20 8.48 13.12
CA ALA A 41 -9.41 7.32 12.27
C ALA A 41 -10.30 7.73 11.11
N VAL A 42 -9.84 7.49 9.89
CA VAL A 42 -10.66 7.79 8.72
C VAL A 42 -10.68 6.58 7.80
N HIS A 43 -11.87 6.14 7.41
CA HIS A 43 -12.01 5.05 6.45
C HIS A 43 -11.39 5.48 5.14
N ILE A 44 -10.58 4.62 4.53
CA ILE A 44 -9.89 4.98 3.28
C ILE A 44 -10.85 5.49 2.21
N ASN A 45 -12.07 4.95 2.15
CA ASN A 45 -13.06 5.48 1.20
C ASN A 45 -13.35 6.97 1.38
N ASP A 46 -13.16 7.50 2.59
CA ASP A 46 -13.41 8.92 2.80
C ASP A 46 -12.33 9.84 2.26
N ILE A 47 -11.13 9.33 2.00
CA ILE A 47 -10.06 10.21 1.53
C ILE A 47 -9.48 9.78 0.19
N LYS A 48 -9.88 8.59 -0.25
CA LYS A 48 -9.40 7.97 -1.46
C LYS A 48 -9.40 8.91 -2.67
N GLU A 49 -10.51 9.63 -2.86
CA GLU A 49 -10.66 10.48 -4.03
C GLU A 49 -9.90 11.81 -3.91
N ALA A 50 -9.79 12.32 -2.68
CA ALA A 50 -9.21 13.63 -2.45
C ALA A 50 -7.67 13.60 -2.34
N TYR A 51 -7.15 12.53 -1.76
CA TYR A 51 -5.73 12.43 -1.47
C TYR A 51 -5.10 11.13 -1.92
N PRO A 52 -5.32 10.72 -3.19
CA PRO A 52 -4.81 9.42 -3.60
C PRO A 52 -3.28 9.34 -3.58
N LEU A 53 -2.61 10.42 -3.95
CA LEU A 53 -1.15 10.43 -4.02
C LEU A 53 -0.53 10.30 -2.63
N GLN A 54 -1.12 10.97 -1.64
CA GLN A 54 -0.64 10.85 -0.26
C GLN A 54 -0.87 9.43 0.24
N ILE A 55 -2.04 8.87 -0.06
CA ILE A 55 -2.29 7.51 0.34
C ILE A 55 -1.23 6.56 -0.26
N ILE A 56 -1.00 6.67 -1.56
CA ILE A 56 -0.04 5.80 -2.24
C ILE A 56 1.36 5.98 -1.68
N LYS A 57 1.73 7.23 -1.41
CA LYS A 57 3.01 7.54 -0.81
C LYS A 57 3.14 6.89 0.58
N TYR A 58 2.06 6.91 1.38
CA TYR A 58 2.08 6.20 2.65
C TYR A 58 2.35 4.69 2.48
N PHE A 59 1.65 4.04 1.54
CA PHE A 59 1.88 2.62 1.29
C PHE A 59 3.31 2.35 0.80
N GLU A 60 3.86 3.25 -0.01
CA GLU A 60 5.25 3.14 -0.46
C GLU A 60 6.24 3.12 0.69
N SER A 61 5.89 3.80 1.77
CA SER A 61 6.74 3.91 2.95
C SER A 61 6.77 2.64 3.76
N LEU A 62 5.88 1.70 3.45
CA LEU A 62 5.84 0.45 4.19
C LEU A 62 6.77 -0.55 3.52
N ARG A 63 7.21 -1.56 4.25
CA ARG A 63 8.05 -2.56 3.61
C ARG A 63 7.21 -3.71 3.07
N ILE A 64 7.22 -3.84 1.75
CA ILE A 64 6.48 -4.86 1.03
C ILE A 64 7.38 -6.06 0.79
N ILE A 65 7.16 -7.10 1.58
CA ILE A 65 8.03 -8.27 1.62
C ILE A 65 7.50 -9.42 0.76
N VAL A 66 8.34 -10.44 0.61
CA VAL A 66 8.15 -11.47 -0.41
C VAL A 66 7.00 -12.48 -0.18
N PRO A 67 6.88 -13.06 1.04
CA PRO A 67 7.62 -12.96 2.31
C PRO A 67 8.94 -13.70 2.30
N LYS B 4 10.73 -3.40 -29.08
CA LYS B 4 9.39 -2.84 -29.20
C LYS B 4 8.84 -2.35 -27.83
N PRO B 5 7.81 -1.47 -27.83
CA PRO B 5 7.38 -0.79 -26.59
C PRO B 5 6.79 -1.68 -25.52
N PHE B 6 7.05 -1.29 -24.28
CA PHE B 6 6.43 -1.91 -23.11
C PHE B 6 6.03 -0.82 -22.13
N GLY B 7 5.23 -1.18 -21.14
CA GLY B 7 4.83 -0.23 -20.12
C GLY B 7 3.83 0.76 -20.68
N VAL B 8 3.84 1.98 -20.14
CA VAL B 8 2.85 2.99 -20.52
C VAL B 8 3.02 3.32 -22.00
N ASN B 9 4.23 3.10 -22.51
CA ASN B 9 4.55 3.41 -23.90
C ASN B 9 3.77 2.57 -24.93
N ARG B 10 3.16 1.48 -24.50
CA ARG B 10 2.25 0.74 -25.36
C ARG B 10 1.05 1.59 -25.71
N GLY B 11 0.83 2.61 -24.90
CA GLY B 11 -0.32 3.47 -25.05
C GLY B 11 -1.62 2.72 -24.82
N LEU B 12 -1.58 1.62 -24.07
CA LEU B 12 -2.82 0.90 -23.75
C LEU B 12 -3.35 1.24 -22.35
N ASP B 13 -4.59 0.85 -22.10
CA ASP B 13 -5.20 1.07 -20.79
C ASP B 13 -4.87 -0.06 -19.82
N LEU B 14 -4.59 0.31 -18.58
CA LEU B 14 -4.24 -0.65 -17.53
C LEU B 14 -5.33 -1.72 -17.37
N ASP B 15 -4.94 -2.98 -17.33
CA ASP B 15 -5.91 -4.05 -17.15
C ASP B 15 -5.92 -4.43 -15.68
N LYS B 16 -5.02 -5.34 -15.30
CA LYS B 16 -4.86 -5.80 -13.91
C LYS B 16 -3.45 -5.43 -13.36
N ILE B 17 -3.36 -5.23 -12.04
CA ILE B 17 -2.08 -5.23 -11.32
C ILE B 17 -1.93 -6.58 -10.67
N LEU B 18 -0.96 -7.37 -11.13
CA LEU B 18 -0.81 -8.75 -10.65
C LEU B 18 0.02 -8.88 -9.39
N HIS B 19 0.95 -7.96 -9.19
CA HIS B 19 2.01 -8.23 -8.24
C HIS B 19 2.92 -6.99 -8.11
N CYS B 20 3.76 -6.93 -7.08
CA CYS B 20 4.75 -5.84 -7.00
C CYS B 20 6.04 -6.30 -6.35
N TYR B 21 7.09 -5.50 -6.50
CA TYR B 21 8.37 -5.85 -5.94
C TYR B 21 9.10 -4.57 -5.53
N GLN B 22 9.61 -4.56 -4.32
CA GLN B 22 10.20 -3.38 -3.78
C GLN B 22 11.72 -3.57 -3.86
N MET B 23 12.43 -2.50 -4.22
CA MET B 23 13.89 -2.50 -4.33
C MET B 23 14.40 -1.22 -3.73
N ASN B 24 14.82 -1.28 -2.46
CA ASN B 24 15.11 -0.07 -1.71
C ASN B 24 13.86 0.83 -1.75
N ASP B 25 14.00 1.99 -2.36
CA ASP B 25 12.95 2.98 -2.42
C ASP B 25 12.15 2.89 -3.72
N ASP B 26 12.58 1.99 -4.60
CA ASP B 26 11.87 1.81 -5.85
C ASP B 26 10.84 0.71 -5.76
N LEU B 27 9.62 1.04 -6.14
CA LEU B 27 8.55 0.05 -6.17
C LEU B 27 8.12 -0.16 -7.60
N PHE B 28 8.16 -1.41 -8.03
CA PHE B 28 7.71 -1.76 -9.38
C PHE B 28 6.43 -2.55 -9.29
N MET B 29 5.54 -2.32 -10.25
CA MET B 29 4.30 -3.04 -10.36
C MET B 29 4.34 -3.89 -11.61
N PHE B 30 3.81 -5.10 -11.51
CA PHE B 30 3.74 -6.01 -12.63
C PHE B 30 2.30 -6.04 -13.12
N VAL B 31 2.12 -5.60 -14.36
CA VAL B 31 0.79 -5.25 -14.83
C VAL B 31 0.48 -5.83 -16.18
N THR B 32 -0.82 -5.89 -16.47
CA THR B 32 -1.29 -6.26 -17.79
C THR B 32 -2.08 -5.09 -18.38
N TRP B 33 -2.15 -5.04 -19.71
CA TRP B 33 -2.89 -3.97 -20.37
C TRP B 33 -4.08 -4.57 -21.08
N LYS B 34 -5.13 -3.76 -21.29
CA LYS B 34 -6.28 -4.23 -22.02
C LYS B 34 -5.97 -4.48 -23.48
N GLY B 35 -6.33 -5.66 -23.97
CA GLY B 35 -6.15 -6.00 -25.37
C GLY B 35 -4.80 -6.63 -25.64
N CYS B 36 -3.97 -6.66 -24.61
CA CYS B 36 -2.63 -7.21 -24.72
C CYS B 36 -2.39 -8.33 -23.71
N SER B 37 -1.58 -9.30 -24.11
CA SER B 37 -1.32 -10.47 -23.30
C SER B 37 -0.06 -10.39 -22.44
N SER B 38 0.82 -9.42 -22.75
CA SER B 38 2.12 -9.34 -22.07
C SER B 38 2.01 -8.84 -20.63
N ILE B 39 3.04 -9.17 -19.83
CA ILE B 39 3.14 -8.71 -18.44
C ILE B 39 4.33 -7.75 -18.32
N ASP B 40 4.08 -6.53 -17.86
CA ASP B 40 5.15 -5.53 -17.81
C ASP B 40 5.50 -5.10 -16.39
N ALA B 41 6.78 -4.83 -16.16
CA ALA B 41 7.19 -4.14 -14.95
C ALA B 41 7.12 -2.65 -15.23
N VAL B 42 6.42 -1.93 -14.37
CA VAL B 42 6.19 -0.51 -14.51
C VAL B 42 6.55 0.13 -13.19
N HIS B 43 7.38 1.16 -13.22
CA HIS B 43 7.68 1.86 -11.96
C HIS B 43 6.43 2.54 -11.45
N ILE B 44 6.24 2.58 -10.12
CA ILE B 44 4.96 3.05 -9.58
C ILE B 44 4.74 4.50 -9.96
N ASN B 45 5.84 5.24 -10.13
CA ASN B 45 5.72 6.63 -10.53
C ASN B 45 5.11 6.79 -11.92
N ASP B 46 5.22 5.75 -12.74
CA ASP B 46 4.73 5.84 -14.11
C ASP B 46 3.20 5.68 -14.21
N ILE B 47 2.57 5.19 -13.15
CA ILE B 47 1.13 4.93 -13.16
C ILE B 47 0.34 5.62 -12.05
N LYS B 48 1.04 6.22 -11.09
CA LYS B 48 0.43 6.97 -9.98
C LYS B 48 -0.74 7.86 -10.39
N GLU B 49 -0.49 8.72 -11.37
CA GLU B 49 -1.40 9.80 -11.69
C GLU B 49 -2.47 9.40 -12.69
N ALA B 50 -2.19 8.37 -13.47
CA ALA B 50 -3.16 7.84 -14.42
C ALA B 50 -4.12 6.88 -13.77
N TYR B 51 -3.63 6.09 -12.82
CA TYR B 51 -4.48 5.04 -12.21
C TYR B 51 -4.51 4.99 -10.70
N PRO B 52 -4.72 6.15 -10.03
CA PRO B 52 -4.53 6.12 -8.58
C PRO B 52 -5.47 5.17 -7.84
N LEU B 53 -6.75 5.13 -8.21
CA LEU B 53 -7.70 4.31 -7.46
C LEU B 53 -7.50 2.82 -7.70
N GLN B 54 -7.00 2.46 -8.88
CA GLN B 54 -6.72 1.05 -9.13
C GLN B 54 -5.51 0.59 -8.31
N ILE B 55 -4.52 1.46 -8.17
CA ILE B 55 -3.34 1.17 -7.38
C ILE B 55 -3.68 1.08 -5.89
N ILE B 56 -4.51 2.01 -5.41
CA ILE B 56 -4.97 2.00 -4.03
C ILE B 56 -5.80 0.74 -3.76
N LYS B 57 -6.62 0.33 -4.71
CA LYS B 57 -7.44 -0.87 -4.51
C LYS B 57 -6.56 -2.12 -4.46
N TYR B 58 -5.49 -2.13 -5.24
CA TYR B 58 -4.54 -3.23 -5.19
C TYR B 58 -3.90 -3.33 -3.82
N PHE B 59 -3.46 -2.19 -3.27
CA PHE B 59 -2.89 -2.19 -1.94
C PHE B 59 -3.91 -2.65 -0.88
N GLU B 60 -5.17 -2.26 -1.03
CA GLU B 60 -6.23 -2.67 -0.13
C GLU B 60 -6.41 -4.20 -0.12
N SER B 61 -6.15 -4.84 -1.26
CA SER B 61 -6.36 -6.27 -1.40
C SER B 61 -5.27 -7.08 -0.67
N LEU B 62 -4.13 -6.44 -0.43
CA LEU B 62 -3.02 -7.10 0.25
C LEU B 62 -3.30 -7.22 1.73
N ARG B 63 -2.66 -8.17 2.41
CA ARG B 63 -2.79 -8.25 3.86
C ARG B 63 -1.77 -7.35 4.55
N ILE B 64 -2.27 -6.34 5.25
CA ILE B 64 -1.43 -5.39 5.98
C ILE B 64 -1.35 -5.86 7.45
N ILE B 65 -0.16 -6.28 7.88
CA ILE B 65 -0.05 -7.05 9.13
C ILE B 65 1.16 -6.78 10.03
N VAL B 66 1.17 -7.45 11.17
CA VAL B 66 2.19 -7.26 12.19
C VAL B 66 2.56 -8.66 12.72
N PRO B 67 3.85 -8.91 13.10
CA PRO B 67 5.06 -8.05 13.09
C PRO B 67 5.49 -7.64 11.68
N GLU C 2 8.23 4.17 14.50
CA GLU C 2 8.75 4.61 15.80
C GLU C 2 8.47 6.09 16.00
N LYS C 3 7.88 6.70 14.97
CA LYS C 3 7.25 7.98 15.14
C LYS C 3 5.95 7.74 15.89
N LEU C 4 5.45 6.52 15.79
CA LEU C 4 4.22 6.12 16.45
C LEU C 4 4.35 6.03 17.97
N ASP C 5 5.58 5.96 18.48
CA ASP C 5 5.81 5.81 19.92
C ASP C 5 5.41 7.02 20.71
N LYS C 6 5.38 8.18 20.05
CA LYS C 6 4.97 9.40 20.75
C LYS C 6 3.42 9.51 20.79
N ILE C 7 2.73 8.50 20.28
CA ILE C 7 1.29 8.48 20.33
C ILE C 7 0.72 7.85 21.61
N ARG C 8 0.03 8.71 22.34
CA ARG C 8 -0.64 8.46 23.62
C ARG C 8 -1.68 7.36 23.57
N MET C 9 -1.89 6.64 24.67
CA MET C 9 -2.97 5.65 24.71
C MET C 9 -4.32 6.31 24.50
N SER C 10 -4.52 7.47 25.12
CA SER C 10 -5.80 8.17 25.04
C SER C 10 -6.13 8.54 23.61
N GLN C 11 -5.10 8.81 22.82
CA GLN C 11 -5.27 9.07 21.40
C GLN C 11 -5.68 7.87 20.58
N LYS C 12 -5.10 6.72 20.87
CA LYS C 12 -5.50 5.50 20.20
C LYS C 12 -6.96 5.13 20.54
N LEU C 13 -7.35 5.31 21.79
CA LEU C 13 -8.73 5.01 22.17
C LEU C 13 -9.74 5.91 21.43
N SER C 14 -9.40 7.17 21.22
CA SER C 14 -10.25 8.09 20.47
C SER C 14 -10.41 7.62 19.03
N CYS C 15 -9.30 7.22 18.44
CA CYS C 15 -9.31 6.65 17.09
C CYS C 15 -10.15 5.38 17.05
N TRP C 16 -10.08 4.57 18.10
CA TRP C 16 -10.93 3.38 18.17
C TRP C 16 -12.38 3.79 18.16
N GLN C 17 -12.68 4.83 18.94
CA GLN C 17 -14.05 5.29 19.04
C GLN C 17 -14.55 5.80 17.68
N HIS C 18 -13.64 6.37 16.90
CA HIS C 18 -13.91 6.77 15.52
C HIS C 18 -14.30 5.58 14.64
N ILE C 19 -13.52 4.51 14.74
CA ILE C 19 -13.84 3.29 14.01
C ILE C 19 -15.22 2.75 14.43
N LEU C 20 -15.49 2.73 15.73
CA LEU C 20 -16.80 2.29 16.22
C LEU C 20 -17.93 3.19 15.73
N THR C 21 -17.76 4.51 15.75
CA THR C 21 -18.80 5.41 15.28
C THR C 21 -19.15 5.21 13.80
N THR C 22 -18.15 4.78 13.05
CA THR C 22 -18.23 4.59 11.61
C THR C 22 -18.90 3.27 11.14
N LEU C 23 -18.65 2.16 11.84
CA LEU C 23 -19.09 0.83 11.35
C LEU C 23 -20.55 0.33 11.71
N GLY C 24 -21.17 0.54 12.88
CA GLY C 24 -20.63 0.77 14.21
C GLY C 24 -20.95 -0.42 15.09
N THR C 25 -21.27 -0.22 16.39
CA THR C 25 -21.09 -1.33 17.35
C THR C 25 -21.97 -2.54 17.08
N SER C 26 -23.17 -2.36 16.55
CA SER C 26 -24.08 -3.50 16.33
C SER C 26 -23.73 -4.30 15.06
N SER C 27 -22.69 -3.88 14.36
CA SER C 27 -22.34 -4.46 13.06
C SER C 27 -21.39 -5.68 13.20
N LYS C 28 -20.84 -5.86 14.38
CA LYS C 28 -20.03 -7.02 14.70
C LYS C 28 -20.51 -7.56 16.03
N THR C 29 -20.17 -8.81 16.31
CA THR C 29 -20.39 -9.39 17.61
C THR C 29 -19.33 -8.83 18.51
N GLU C 30 -19.58 -8.92 19.81
CA GLU C 30 -18.68 -8.34 20.77
C GLU C 30 -17.32 -9.04 20.83
N GLN C 31 -17.28 -10.34 20.61
CA GLN C 31 -16.01 -11.05 20.59
C GLN C 31 -15.23 -10.76 19.30
N GLU C 32 -15.94 -10.52 18.20
CA GLU C 32 -15.33 -9.98 16.98
C GLU C 32 -14.65 -8.64 17.23
N TRP C 33 -15.30 -7.79 18.00
CA TRP C 33 -14.78 -6.47 18.33
C TRP C 33 -13.56 -6.61 19.21
N ASN C 34 -13.67 -7.50 20.20
CA ASN C 34 -12.57 -7.68 21.14
C ASN C 34 -11.29 -8.10 20.43
N THR C 35 -11.40 -8.97 19.42
CA THR C 35 -10.18 -9.45 18.74
C THR C 35 -9.59 -8.36 17.86
N PHE C 36 -10.43 -7.64 17.15
CA PHE C 36 -10.02 -6.49 16.37
C PHE C 36 -9.38 -5.42 17.23
N PHE C 37 -9.94 -5.20 18.42
CA PHE C 37 -9.38 -4.20 19.32
C PHE C 37 -7.98 -4.59 19.79
N LYS C 38 -7.79 -5.87 20.08
CA LYS C 38 -6.49 -6.37 20.51
C LYS C 38 -5.44 -6.22 19.41
N GLY C 39 -5.84 -6.45 18.16
CA GLY C 39 -4.94 -6.26 17.06
C GLY C 39 -4.75 -4.77 16.73
N PHE C 40 -5.75 -3.96 17.07
CA PHE C 40 -5.62 -2.51 16.88
C PHE C 40 -4.53 -1.94 17.77
N LEU C 41 -4.46 -2.40 19.01
CA LEU C 41 -3.46 -1.90 19.93
C LEU C 41 -2.06 -2.40 19.59
N GLU C 42 -1.98 -3.66 19.19
CA GLU C 42 -0.75 -4.26 18.74
C GLU C 42 -0.21 -3.61 17.45
N SER C 43 -1.09 -3.00 16.64
CA SER C 43 -0.69 -2.47 15.34
C SER C 43 0.16 -1.21 15.46
N TRP C 44 -0.01 -0.48 16.55
CA TRP C 44 0.80 0.71 16.80
C TRP C 44 2.21 0.38 17.24
N ARG C 45 2.37 -0.73 17.96
CA ARG C 45 3.63 -1.03 18.64
C ARG C 45 4.69 -1.72 17.77
N LYS C 46 4.26 -2.58 16.85
CA LYS C 46 5.23 -3.31 16.05
C LYS C 46 5.12 -2.93 14.58
N PRO C 47 6.27 -2.89 13.87
CA PRO C 47 6.34 -2.44 12.47
C PRO C 47 5.51 -3.30 11.52
N TYR C 48 4.93 -2.69 10.50
CA TYR C 48 4.07 -3.45 9.59
C TYR C 48 4.78 -3.95 8.34
N CYS C 49 4.33 -5.09 7.86
CA CYS C 49 4.71 -5.59 6.54
C CYS C 49 3.45 -5.69 5.70
N ILE C 50 3.52 -5.31 4.43
CA ILE C 50 2.43 -5.57 3.50
C ILE C 50 2.76 -6.88 2.75
N GLN C 51 1.82 -7.80 2.74
CA GLN C 51 2.08 -9.16 2.30
C GLN C 51 1.38 -9.47 0.98
N THR C 52 2.17 -9.63 -0.10
CA THR C 52 1.61 -10.08 -1.38
C THR C 52 1.07 -11.48 -1.13
N SER C 53 -0.24 -11.60 -1.34
CA SER C 53 -1.11 -12.48 -0.56
C SER C 53 -0.90 -13.98 -0.75
N ASP D 5 -0.48 -21.10 -9.92
CA ASP D 5 0.22 -19.88 -9.57
C ASP D 5 1.51 -19.74 -10.38
N LYS D 6 1.49 -20.27 -11.59
CA LYS D 6 2.71 -20.32 -12.39
C LYS D 6 2.75 -19.27 -13.48
N ILE D 7 3.81 -18.47 -13.43
CA ILE D 7 4.07 -17.49 -14.47
C ILE D 7 5.34 -17.90 -15.19
N ARG D 8 5.27 -17.91 -16.52
CA ARG D 8 6.40 -18.29 -17.37
C ARG D 8 7.69 -17.52 -17.06
N MET D 9 8.80 -18.23 -16.97
CA MET D 9 10.07 -17.61 -16.60
C MET D 9 10.46 -16.52 -17.61
N SER D 10 10.23 -16.79 -18.88
CA SER D 10 10.57 -15.83 -19.92
C SER D 10 9.86 -14.51 -19.67
N GLN D 11 8.61 -14.58 -19.23
CA GLN D 11 7.82 -13.39 -18.94
C GLN D 11 8.38 -12.62 -17.75
N LYS D 12 8.97 -13.36 -16.82
CA LYS D 12 9.58 -12.76 -15.64
C LYS D 12 10.90 -12.14 -16.01
N LEU D 13 11.59 -12.75 -16.97
CA LEU D 13 12.86 -12.23 -17.41
C LEU D 13 12.64 -10.98 -18.25
N SER D 14 11.52 -10.91 -18.97
CA SER D 14 11.15 -9.66 -19.63
C SER D 14 10.99 -8.54 -18.61
N CYS D 15 10.25 -8.83 -17.53
CA CYS D 15 9.97 -7.83 -16.50
C CYS D 15 11.25 -7.37 -15.83
N TRP D 16 12.18 -8.29 -15.61
CA TRP D 16 13.44 -7.92 -15.00
C TRP D 16 14.19 -6.94 -15.91
N GLN D 17 14.13 -7.22 -17.22
CA GLN D 17 14.73 -6.36 -18.23
C GLN D 17 14.11 -4.93 -18.21
N HIS D 18 12.78 -4.88 -18.11
CA HIS D 18 12.05 -3.62 -17.88
C HIS D 18 12.63 -2.84 -16.71
N ILE D 19 12.97 -3.55 -15.66
CA ILE D 19 13.45 -2.94 -14.45
C ILE D 19 14.88 -2.40 -14.63
N LEU D 20 15.75 -3.22 -15.24
CA LEU D 20 17.08 -2.76 -15.63
C LEU D 20 17.04 -1.51 -16.52
N THR D 21 16.14 -1.51 -17.49
CA THR D 21 16.02 -0.39 -18.42
C THR D 21 15.57 0.91 -17.72
N THR D 22 14.68 0.79 -16.75
CA THR D 22 14.27 1.93 -15.94
C THR D 22 15.39 2.48 -15.07
N LEU D 23 16.01 1.60 -14.29
CA LEU D 23 17.05 1.98 -13.34
C LEU D 23 18.42 2.22 -13.96
N GLY D 24 18.80 1.43 -14.96
CA GLY D 24 20.15 1.47 -15.49
C GLY D 24 21.11 0.52 -14.79
N THR D 25 21.70 -0.39 -15.56
CA THR D 25 22.64 -1.39 -15.03
C THR D 25 23.85 -0.75 -14.35
N SER D 26 24.21 0.47 -14.77
CA SER D 26 25.33 1.14 -14.15
C SER D 26 24.96 1.81 -12.80
N SER D 27 23.67 1.79 -12.43
CA SER D 27 23.25 2.41 -11.17
C SER D 27 23.40 1.53 -9.92
N LYS D 28 23.75 0.26 -10.10
CA LYS D 28 23.93 -0.63 -8.95
C LYS D 28 25.15 -1.50 -9.21
N THR D 29 25.75 -2.07 -8.15
CA THR D 29 26.87 -3.00 -8.34
C THR D 29 26.30 -4.37 -8.76
N GLU D 30 27.17 -5.31 -9.12
CA GLU D 30 26.73 -6.58 -9.69
C GLU D 30 26.08 -7.52 -8.68
N GLN D 31 26.51 -7.41 -7.43
CA GLN D 31 26.03 -8.24 -6.34
C GLN D 31 24.73 -7.64 -5.85
N GLU D 32 24.68 -6.31 -5.79
CA GLU D 32 23.41 -5.58 -5.60
C GLU D 32 22.36 -6.05 -6.60
N TRP D 33 22.74 -6.14 -7.87
CA TRP D 33 21.84 -6.65 -8.89
C TRP D 33 21.53 -8.13 -8.68
N ASN D 34 22.51 -8.88 -8.19
CA ASN D 34 22.31 -10.31 -8.09
C ASN D 34 21.44 -10.69 -6.91
N THR D 35 21.60 -9.95 -5.82
CA THR D 35 20.76 -10.13 -4.64
C THR D 35 19.32 -9.71 -4.92
N PHE D 36 19.17 -8.58 -5.62
CA PHE D 36 17.85 -8.09 -6.04
C PHE D 36 17.18 -9.02 -7.02
N PHE D 37 17.97 -9.67 -7.87
CA PHE D 37 17.40 -10.56 -8.88
C PHE D 37 16.84 -11.82 -8.23
N LYS D 38 17.52 -12.29 -7.19
CA LYS D 38 17.04 -13.44 -6.44
C LYS D 38 15.78 -13.08 -5.67
N GLY D 39 15.79 -11.88 -5.09
CA GLY D 39 14.60 -11.35 -4.45
C GLY D 39 13.47 -11.24 -5.45
N PHE D 40 13.79 -10.80 -6.67
CA PHE D 40 12.78 -10.68 -7.71
C PHE D 40 12.17 -12.04 -8.02
N LEU D 41 12.99 -13.08 -8.05
CA LEU D 41 12.47 -14.40 -8.44
C LEU D 41 11.66 -15.05 -7.34
N GLU D 42 12.09 -14.85 -6.09
CA GLU D 42 11.41 -15.41 -4.94
C GLU D 42 10.06 -14.74 -4.74
N SER D 43 9.96 -13.47 -5.13
CA SER D 43 8.73 -12.72 -4.93
C SER D 43 7.61 -13.19 -5.86
N TRP D 44 7.96 -13.96 -6.89
CA TRP D 44 6.94 -14.55 -7.74
C TRP D 44 6.38 -15.84 -7.17
N ARG D 45 7.16 -16.47 -6.30
CA ARG D 45 6.70 -17.66 -5.58
C ARG D 45 5.44 -17.36 -4.76
#